data_5UMQ
#
_entry.id   5UMQ
#
_cell.length_a   36.569
_cell.length_b   66.124
_cell.length_c   103.354
_cell.angle_alpha   90.00
_cell.angle_beta   90.00
_cell.angle_gamma   90.00
#
_symmetry.space_group_name_H-M   'P 21 21 21'
#
loop_
_entity.id
_entity.type
_entity.pdbx_description
1 polymer 'Glyoxalase/bleomycin resisance protein/dioxygenase'
2 water water
#
_entity_poly.entity_id   1
_entity_poly.type   'polypeptide(L)'
_entity_poly.pdbx_seq_one_letter_code
;HHHHHHSSGLVPRGSHMISHIGTIDVFVNDQDKAIDFYVNTLGFELREDQAFGPMRWVEVAPAGSQTRIVLCTKHFPVYE
EGKIGRFTDIQLVTEDIKATHEELVRRGVNFTRAPEQMPFGGANASFQDPDGNEFLLLQPSR
;
_entity_poly.pdbx_strand_id   A,B
#
# COMPACT_ATOMS: atom_id res chain seq x y z
N HIS A 16 -7.77 19.24 -4.46
CA HIS A 16 -6.47 18.56 -4.16
C HIS A 16 -6.01 17.71 -5.35
N MET A 17 -4.72 17.78 -5.64
CA MET A 17 -4.18 17.15 -6.84
C MET A 17 -4.35 15.63 -6.76
N ILE A 18 -3.83 15.07 -5.69
CA ILE A 18 -3.89 13.61 -5.49
C ILE A 18 -5.04 13.29 -4.55
N SER A 19 -6.00 12.53 -5.04
CA SER A 19 -7.20 12.26 -4.23
C SER A 19 -7.01 11.10 -3.23
N HIS A 20 -6.38 10.01 -3.67
CA HIS A 20 -6.12 8.86 -2.76
C HIS A 20 -5.16 7.84 -3.35
N ILE A 21 -4.76 6.89 -2.51
CA ILE A 21 -4.01 5.72 -2.94
C ILE A 21 -5.00 4.76 -3.59
N GLY A 22 -4.85 4.51 -4.88
CA GLY A 22 -5.77 3.64 -5.59
C GLY A 22 -5.45 2.18 -5.33
N THR A 23 -4.18 1.80 -5.49
CA THR A 23 -3.79 0.39 -5.43
C THR A 23 -2.40 0.18 -4.83
N ILE A 24 -2.20 -1.02 -4.28
CA ILE A 24 -0.89 -1.52 -3.85
C ILE A 24 -0.73 -2.91 -4.43
N ASP A 25 0.47 -3.19 -4.95
CA ASP A 25 0.74 -4.50 -5.56
C ASP A 25 1.12 -5.50 -4.51
N VAL A 26 0.55 -6.69 -4.59
CA VAL A 26 1.02 -7.86 -3.87
C VAL A 26 1.28 -8.96 -4.91
N PHE A 27 2.43 -9.64 -4.79
CA PHE A 27 2.89 -10.60 -5.81
C PHE A 27 2.65 -12.03 -5.36
N VAL A 28 2.04 -12.80 -6.24
CA VAL A 28 1.57 -14.15 -5.93
C VAL A 28 2.04 -15.15 -7.00
N ASN A 29 2.04 -16.43 -6.66
CA ASN A 29 2.44 -17.51 -7.58
C ASN A 29 1.32 -17.93 -8.49
N ASP A 30 0.11 -18.00 -7.95
CA ASP A 30 -1.08 -18.45 -8.70
C ASP A 30 -2.28 -17.56 -8.32
N GLN A 31 -2.82 -16.85 -9.31
CA GLN A 31 -3.88 -15.90 -9.05
C GLN A 31 -5.22 -16.57 -8.69
N ASP A 32 -5.48 -17.79 -9.18
CA ASP A 32 -6.68 -18.54 -8.74
C ASP A 32 -6.62 -18.80 -7.24
N LYS A 33 -5.46 -19.26 -6.79
CA LYS A 33 -5.31 -19.59 -5.41
C LYS A 33 -5.32 -18.34 -4.54
N ALA A 34 -4.64 -17.31 -4.99
CA ALA A 34 -4.64 -16.04 -4.25
C ALA A 34 -6.05 -15.46 -4.14
N ILE A 35 -6.83 -15.51 -5.23
CA ILE A 35 -8.24 -15.07 -5.20
C ILE A 35 -8.99 -15.83 -4.12
N ASP A 36 -8.79 -17.15 -4.07
CA ASP A 36 -9.45 -18.01 -3.12
C ASP A 36 -9.08 -17.57 -1.68
N PHE A 37 -7.80 -17.25 -1.45
CA PHE A 37 -7.38 -16.78 -0.14
C PHE A 37 -7.92 -15.40 0.25
N TYR A 38 -7.70 -14.39 -0.59
CA TYR A 38 -8.11 -13.02 -0.28
C TYR A 38 -9.65 -12.87 -0.24
N VAL A 39 -10.32 -13.48 -1.19
CA VAL A 39 -11.77 -13.31 -1.39
C VAL A 39 -12.55 -14.23 -0.49
N ASN A 40 -12.19 -15.51 -0.50
CA ASN A 40 -12.97 -16.48 0.26
C ASN A 40 -12.53 -16.58 1.72
N THR A 41 -11.23 -16.64 2.00
CA THR A 41 -10.73 -16.81 3.37
C THR A 41 -10.67 -15.48 4.13
N LEU A 42 -10.15 -14.42 3.51
CA LEU A 42 -10.11 -13.12 4.21
C LEU A 42 -11.41 -12.34 4.12
N GLY A 43 -12.34 -12.76 3.27
CA GLY A 43 -13.60 -12.07 3.12
C GLY A 43 -13.54 -10.83 2.23
N PHE A 44 -12.45 -10.64 1.48
CA PHE A 44 -12.36 -9.44 0.59
C PHE A 44 -13.33 -9.59 -0.58
N GLU A 45 -13.68 -8.44 -1.16
CA GLU A 45 -14.36 -8.42 -2.44
C GLU A 45 -13.38 -8.59 -3.59
N LEU A 46 -13.77 -9.41 -4.56
CA LEU A 46 -13.12 -9.45 -5.86
C LEU A 46 -13.56 -8.22 -6.67
N ARG A 47 -12.67 -7.24 -6.81
CA ARG A 47 -13.02 -5.96 -7.45
C ARG A 47 -12.81 -6.01 -8.96
N GLU A 48 -11.75 -6.69 -9.41
CA GLU A 48 -11.48 -6.88 -10.85
C GLU A 48 -10.94 -8.28 -11.13
N ASP A 49 -11.33 -8.83 -12.27
CA ASP A 49 -10.76 -10.06 -12.80
C ASP A 49 -10.91 -10.02 -14.33
N GLN A 50 -9.90 -9.51 -15.02
CA GLN A 50 -9.92 -9.35 -16.49
C GLN A 50 -8.65 -9.89 -17.14
N ALA A 51 -8.83 -10.77 -18.12
CA ALA A 51 -7.72 -11.23 -18.97
C ALA A 51 -7.36 -10.16 -20.00
N PHE A 52 -6.05 -9.92 -20.11
CA PHE A 52 -5.49 -9.06 -21.15
C PHE A 52 -4.30 -9.80 -21.74
N GLY A 53 -4.59 -10.72 -22.64
CA GLY A 53 -3.57 -11.57 -23.26
C GLY A 53 -3.09 -12.62 -22.29
N PRO A 54 -1.75 -12.77 -22.14
CA PRO A 54 -1.26 -13.76 -21.20
C PRO A 54 -1.28 -13.29 -19.73
N MET A 55 -1.71 -12.05 -19.49
CA MET A 55 -1.75 -11.47 -18.15
C MET A 55 -3.19 -11.26 -17.72
N ARG A 56 -3.40 -11.39 -16.42
CA ARG A 56 -4.72 -11.29 -15.81
C ARG A 56 -4.68 -10.16 -14.78
N TRP A 57 -5.59 -9.19 -14.92
CA TRP A 57 -5.68 -8.08 -14.00
C TRP A 57 -6.66 -8.43 -12.89
N VAL A 58 -6.14 -8.63 -11.68
CA VAL A 58 -6.93 -9.09 -10.55
C VAL A 58 -6.78 -8.08 -9.41
N GLU A 59 -7.92 -7.56 -8.93
CA GLU A 59 -7.94 -6.68 -7.77
C GLU A 59 -8.84 -7.22 -6.68
N VAL A 60 -8.37 -7.11 -5.43
CA VAL A 60 -9.17 -7.51 -4.28
C VAL A 60 -9.12 -6.39 -3.24
N ALA A 61 -10.20 -6.25 -2.47
CA ALA A 61 -10.22 -5.25 -1.40
C ALA A 61 -11.27 -5.57 -0.34
N PRO A 62 -11.01 -5.17 0.92
CA PRO A 62 -12.05 -5.23 1.93
C PRO A 62 -13.31 -4.50 1.49
N ALA A 63 -14.46 -5.06 1.84
CA ALA A 63 -15.75 -4.43 1.51
C ALA A 63 -15.81 -2.98 1.91
N GLY A 64 -16.22 -2.14 0.96
CA GLY A 64 -16.39 -0.72 1.16
C GLY A 64 -15.10 0.07 1.21
N SER A 65 -13.94 -0.59 1.13
CA SER A 65 -12.67 0.10 1.32
C SER A 65 -12.22 0.75 0.01
N GLN A 66 -11.46 1.82 0.16
CA GLN A 66 -11.07 2.67 -0.96
C GLN A 66 -9.89 2.05 -1.77
N THR A 67 -8.77 1.81 -1.10
CA THR A 67 -7.57 1.24 -1.72
C THR A 67 -7.75 -0.28 -1.98
N ARG A 68 -7.32 -0.72 -3.15
CA ARG A 68 -7.34 -2.12 -3.54
C ARG A 68 -5.94 -2.73 -3.61
N ILE A 69 -5.87 -4.04 -3.45
CA ILE A 69 -4.66 -4.80 -3.72
C ILE A 69 -4.75 -5.36 -5.13
N VAL A 70 -3.72 -5.14 -5.94
CA VAL A 70 -3.61 -5.74 -7.25
C VAL A 70 -2.78 -7.00 -7.04
N LEU A 71 -3.33 -8.14 -7.43
CA LEU A 71 -2.67 -9.42 -7.28
C LEU A 71 -1.85 -9.69 -8.53
N CYS A 72 -0.54 -9.46 -8.41
CA CYS A 72 0.37 -9.49 -9.53
C CYS A 72 1.18 -10.78 -9.55
N THR A 73 1.71 -11.10 -10.73
CA THR A 73 2.55 -12.29 -10.96
C THR A 73 3.98 -11.91 -11.34
N LYS A 74 4.81 -12.95 -11.42
CA LYS A 74 6.19 -12.90 -11.93
C LYS A 74 6.32 -12.20 -13.27
N HIS A 75 5.29 -12.32 -14.11
CA HIS A 75 5.31 -11.83 -15.51
C HIS A 75 4.83 -10.38 -15.69
N PHE A 76 4.55 -9.67 -14.59
CA PHE A 76 4.17 -8.25 -14.65
C PHE A 76 5.44 -7.41 -14.76
N PRO A 77 5.39 -6.27 -15.51
CA PRO A 77 6.58 -5.41 -15.59
C PRO A 77 7.04 -4.85 -14.22
N VAL A 78 6.12 -4.67 -13.29
CA VAL A 78 6.47 -4.20 -11.93
C VAL A 78 7.16 -5.25 -11.02
N TYR A 79 7.21 -6.51 -11.45
CA TYR A 79 7.87 -7.58 -10.68
C TYR A 79 9.40 -7.45 -10.66
N GLU A 80 9.99 -7.87 -9.55
CA GLU A 80 11.44 -8.03 -9.40
C GLU A 80 11.67 -9.26 -8.54
N GLU A 81 12.82 -9.89 -8.73
CA GLU A 81 13.22 -11.08 -7.96
C GLU A 81 13.04 -10.81 -6.47
N GLY A 82 12.33 -11.71 -5.80
CA GLY A 82 12.11 -11.60 -4.34
C GLY A 82 10.83 -10.90 -3.88
N LYS A 83 10.05 -10.34 -4.80
CA LYS A 83 8.78 -9.66 -4.42
C LYS A 83 7.65 -10.61 -3.98
N ILE A 84 7.72 -11.89 -4.38
CA ILE A 84 6.74 -12.90 -3.93
C ILE A 84 7.16 -13.46 -2.58
N GLY A 85 6.28 -13.35 -1.59
CA GLY A 85 6.51 -13.99 -0.28
C GLY A 85 7.31 -13.16 0.69
N ARG A 86 7.02 -11.88 0.76
CA ARG A 86 7.75 -11.00 1.67
C ARG A 86 6.81 -10.30 2.60
N PHE A 87 7.38 -9.57 3.55
CA PHE A 87 6.59 -8.66 4.34
C PHE A 87 6.12 -7.52 3.44
N THR A 88 4.80 -7.35 3.36
CA THR A 88 4.17 -6.48 2.39
C THR A 88 4.20 -5.03 2.79
N ASP A 89 4.53 -4.75 4.05
CA ASP A 89 4.48 -3.40 4.61
C ASP A 89 3.05 -2.82 4.74
N ILE A 90 2.05 -3.72 4.70
CA ILE A 90 0.64 -3.38 4.75
C ILE A 90 0.09 -3.74 6.13
N GLN A 91 -0.54 -2.75 6.79
CA GLN A 91 -1.35 -2.98 7.98
C GLN A 91 -2.83 -3.00 7.62
N LEU A 92 -3.48 -4.11 7.92
CA LEU A 92 -4.91 -4.26 7.71
C LEU A 92 -5.58 -3.96 9.04
N VAL A 93 -6.73 -3.30 8.98
CA VAL A 93 -7.45 -2.83 10.16
C VAL A 93 -8.65 -3.72 10.42
N THR A 94 -8.81 -4.10 11.69
CA THR A 94 -9.98 -4.82 12.20
C THR A 94 -10.47 -4.11 13.48
N GLU A 95 -11.77 -4.12 13.69
CA GLU A 95 -12.35 -3.61 14.94
C GLU A 95 -12.29 -4.58 16.12
N ASP A 96 -12.02 -5.86 15.85
CA ASP A 96 -11.97 -6.88 16.91
C ASP A 96 -10.95 -7.92 16.51
N ILE A 97 -9.71 -7.68 16.89
CA ILE A 97 -8.62 -8.58 16.56
C ILE A 97 -8.78 -9.98 17.20
N LYS A 98 -9.29 -10.09 18.43
CA LYS A 98 -9.59 -11.43 19.01
C LYS A 98 -10.53 -12.25 18.11
N ALA A 99 -11.66 -11.68 17.77
CA ALA A 99 -12.63 -12.36 16.90
C ALA A 99 -12.05 -12.66 15.52
N THR A 100 -11.36 -11.68 14.93
CA THR A 100 -10.79 -11.84 13.61
C THR A 100 -9.71 -12.90 13.57
N HIS A 101 -8.78 -12.82 14.53
CA HIS A 101 -7.75 -13.83 14.72
C HIS A 101 -8.36 -15.25 14.79
N GLU A 102 -9.34 -15.43 15.68
CA GLU A 102 -9.90 -16.77 15.88
C GLU A 102 -10.65 -17.27 14.64
N GLU A 103 -11.41 -16.39 14.00
CA GLU A 103 -12.10 -16.75 12.76
C GLU A 103 -11.09 -17.12 11.65
N LEU A 104 -10.03 -16.35 11.52
CA LEU A 104 -9.07 -16.61 10.45
C LEU A 104 -8.31 -17.90 10.74
N VAL A 105 -7.97 -18.12 12.00
CA VAL A 105 -7.37 -19.38 12.40
C VAL A 105 -8.31 -20.56 12.06
N ARG A 106 -9.61 -20.41 12.32
CA ARG A 106 -10.58 -21.48 11.93
C ARG A 106 -10.58 -21.78 10.44
N ARG A 107 -10.34 -20.75 9.66
CA ARG A 107 -10.30 -20.87 8.21
C ARG A 107 -8.95 -21.33 7.67
N GLY A 108 -8.00 -21.64 8.55
CA GLY A 108 -6.71 -22.18 8.13
C GLY A 108 -5.62 -21.15 7.92
N VAL A 109 -5.83 -19.91 8.35
CA VAL A 109 -4.82 -18.89 8.13
C VAL A 109 -3.67 -19.10 9.09
N ASN A 110 -2.45 -19.07 8.56
CA ASN A 110 -1.25 -19.18 9.40
C ASN A 110 -0.82 -17.84 9.98
N PHE A 111 -0.95 -17.68 11.29
CA PHE A 111 -0.43 -16.49 11.96
C PHE A 111 1.04 -16.68 12.36
N THR A 112 1.92 -15.82 11.85
CA THR A 112 3.31 -15.74 12.35
C THR A 112 3.41 -15.08 13.74
N ARG A 113 2.48 -14.20 14.10
CA ARG A 113 2.43 -13.66 15.45
C ARG A 113 1.01 -13.50 15.91
N ALA A 114 0.69 -14.04 17.09
CA ALA A 114 -0.65 -13.92 17.67
C ALA A 114 -0.92 -12.49 18.16
N PRO A 115 -2.20 -12.13 18.38
CA PRO A 115 -2.43 -10.77 18.81
C PRO A 115 -1.72 -10.45 20.12
N GLU A 116 -1.16 -9.25 20.23
CA GLU A 116 -0.53 -8.80 21.46
C GLU A 116 -0.69 -7.30 21.59
N GLN A 117 -0.82 -6.84 22.83
CA GLN A 117 -0.97 -5.42 23.10
C GLN A 117 0.32 -4.73 22.70
N MET A 118 0.21 -3.57 22.07
CA MET A 118 1.40 -2.84 21.61
C MET A 118 1.86 -1.91 22.73
N PRO A 119 3.19 -1.64 22.82
CA PRO A 119 3.70 -0.78 23.92
C PRO A 119 3.01 0.58 23.96
N PHE A 120 2.67 1.12 22.80
CA PHE A 120 2.07 2.44 22.71
C PHE A 120 0.64 2.41 22.12
N GLY A 121 -0.18 1.52 22.68
CA GLY A 121 -1.60 1.46 22.38
C GLY A 121 -1.94 0.57 21.20
N GLY A 122 -3.15 0.03 21.22
CA GLY A 122 -3.63 -0.88 20.19
C GLY A 122 -3.14 -2.30 20.37
N ALA A 123 -3.56 -3.17 19.47
CA ALA A 123 -3.11 -4.55 19.42
C ALA A 123 -2.90 -4.97 18.01
N ASN A 124 -1.92 -5.82 17.79
CA ASN A 124 -1.62 -6.32 16.46
C ASN A 124 -1.14 -7.75 16.41
N ALA A 125 -1.10 -8.27 15.20
CA ALA A 125 -0.75 -9.62 14.90
C ALA A 125 -0.20 -9.60 13.50
N SER A 126 0.35 -10.72 13.06
CA SER A 126 0.80 -10.81 11.67
C SER A 126 0.47 -12.18 11.14
N PHE A 127 0.09 -12.22 9.86
CA PHE A 127 -0.26 -13.48 9.20
C PHE A 127 0.24 -13.46 7.78
N GLN A 128 0.24 -14.63 7.17
CA GLN A 128 0.75 -14.82 5.84
C GLN A 128 -0.33 -15.36 4.91
N ASP A 129 -0.25 -15.00 3.63
CA ASP A 129 -1.05 -15.69 2.59
C ASP A 129 -0.33 -17.01 2.20
N PRO A 130 -0.91 -17.81 1.27
CA PRO A 130 -0.31 -19.10 0.90
C PRO A 130 1.09 -19.05 0.28
N ASP A 131 1.46 -17.90 -0.28
CA ASP A 131 2.78 -17.67 -0.85
C ASP A 131 3.80 -17.12 0.15
N GLY A 132 3.40 -16.89 1.39
CA GLY A 132 4.23 -16.30 2.42
C GLY A 132 4.22 -14.78 2.45
N ASN A 133 3.37 -14.11 1.67
CA ASN A 133 3.23 -12.64 1.83
C ASN A 133 2.69 -12.33 3.21
N GLU A 134 3.36 -11.43 3.93
CA GLU A 134 3.03 -11.21 5.33
C GLU A 134 2.39 -9.82 5.51
N PHE A 135 1.32 -9.82 6.30
CA PHE A 135 0.56 -8.62 6.63
C PHE A 135 0.55 -8.42 8.13
N LEU A 136 0.54 -7.16 8.51
CA LEU A 136 0.18 -6.77 9.88
C LEU A 136 -1.32 -6.66 9.94
N LEU A 137 -1.89 -7.07 11.07
CA LEU A 137 -3.30 -6.90 11.37
C LEU A 137 -3.39 -6.10 12.65
N LEU A 138 -4.19 -5.03 12.65
CA LEU A 138 -4.19 -4.03 13.70
C LEU A 138 -5.60 -3.74 14.19
N GLN A 139 -5.81 -3.82 15.51
CA GLN A 139 -7.01 -3.24 16.12
C GLN A 139 -6.57 -1.91 16.74
N PRO A 140 -6.91 -0.77 16.09
CA PRO A 140 -6.45 0.50 16.64
C PRO A 140 -7.16 0.85 17.97
N HIS B 16 -17.21 -5.38 8.48
CA HIS B 16 -16.68 -6.76 8.21
C HIS B 16 -15.41 -6.98 9.02
N MET B 17 -15.01 -8.24 9.09
CA MET B 17 -13.84 -8.67 9.86
C MET B 17 -12.63 -7.72 9.63
N ILE B 18 -12.15 -7.68 8.39
CA ILE B 18 -11.15 -6.71 7.99
C ILE B 18 -11.88 -5.55 7.32
N SER B 19 -11.81 -4.37 7.94
CA SER B 19 -12.54 -3.22 7.39
C SER B 19 -11.84 -2.55 6.22
N HIS B 20 -10.51 -2.40 6.30
CA HIS B 20 -9.74 -1.74 5.25
C HIS B 20 -8.23 -1.84 5.44
N ILE B 21 -7.48 -1.41 4.41
CA ILE B 21 -6.04 -1.26 4.54
C ILE B 21 -5.81 0.04 5.26
N GLY B 22 -5.20 -0.05 6.44
CA GLY B 22 -4.89 1.12 7.24
C GLY B 22 -3.72 1.91 6.72
N THR B 23 -2.57 1.26 6.59
CA THR B 23 -1.36 1.94 6.21
C THR B 23 -0.48 1.10 5.29
N ILE B 24 0.40 1.80 4.55
CA ILE B 24 1.49 1.21 3.80
C ILE B 24 2.78 1.98 4.15
N ASP B 25 3.86 1.25 4.39
CA ASP B 25 5.14 1.86 4.75
C ASP B 25 5.90 2.39 3.54
N VAL B 26 6.46 3.60 3.67
CA VAL B 26 7.42 4.15 2.71
C VAL B 26 8.63 4.60 3.53
N PHE B 27 9.81 4.20 3.09
CA PHE B 27 11.02 4.38 3.89
C PHE B 27 11.82 5.56 3.36
N VAL B 28 12.27 6.40 4.29
CA VAL B 28 12.84 7.71 3.96
C VAL B 28 14.12 7.93 4.76
N ASN B 29 15.00 8.80 4.27
CA ASN B 29 16.25 9.12 5.00
C ASN B 29 16.03 10.10 6.15
N ASP B 30 15.09 11.02 5.98
CA ASP B 30 14.85 12.06 6.98
C ASP B 30 13.35 12.36 7.02
N GLN B 31 12.71 12.10 8.15
CA GLN B 31 11.26 12.33 8.28
C GLN B 31 10.84 13.78 8.12
N ASP B 32 11.67 14.73 8.57
CA ASP B 32 11.30 16.15 8.47
C ASP B 32 11.29 16.58 7.02
N LYS B 33 12.34 16.20 6.30
CA LYS B 33 12.45 16.48 4.87
C LYS B 33 11.29 15.82 4.09
N ALA B 34 10.97 14.59 4.47
CA ALA B 34 9.90 13.82 3.82
C ALA B 34 8.54 14.45 4.10
N ILE B 35 8.30 14.84 5.35
CA ILE B 35 7.06 15.56 5.69
C ILE B 35 6.91 16.78 4.81
N ASP B 36 8.01 17.52 4.64
CA ASP B 36 8.02 18.71 3.79
C ASP B 36 7.64 18.33 2.36
N PHE B 37 8.32 17.33 1.81
CA PHE B 37 7.96 16.84 0.48
C PHE B 37 6.49 16.40 0.37
N TYR B 38 6.06 15.42 1.19
CA TYR B 38 4.75 14.82 1.00
C TYR B 38 3.61 15.81 1.24
N VAL B 39 3.77 16.67 2.24
CA VAL B 39 2.74 17.65 2.60
C VAL B 39 2.80 18.90 1.73
N ASN B 40 3.94 19.57 1.70
CA ASN B 40 4.03 20.86 0.99
C ASN B 40 4.14 20.73 -0.51
N THR B 41 4.85 19.73 -1.04
CA THR B 41 4.92 19.61 -2.50
C THR B 41 3.85 18.69 -3.09
N LEU B 42 3.62 17.51 -2.50
CA LEU B 42 2.55 16.63 -3.04
C LEU B 42 1.16 17.06 -2.59
N GLY B 43 1.06 17.87 -1.53
CA GLY B 43 -0.25 18.31 -1.02
C GLY B 43 -0.99 17.33 -0.13
N PHE B 44 -0.28 16.37 0.48
CA PHE B 44 -0.91 15.44 1.43
C PHE B 44 -1.17 16.17 2.74
N GLU B 45 -2.06 15.60 3.54
CA GLU B 45 -2.27 16.01 4.93
C GLU B 45 -1.29 15.26 5.83
N LEU B 46 -0.75 15.98 6.82
CA LEU B 46 0.02 15.38 7.90
C LEU B 46 -0.96 14.80 8.90
N ARG B 47 -1.00 13.47 8.97
CA ARG B 47 -2.02 12.76 9.73
C ARG B 47 -1.58 12.43 11.14
N GLU B 48 -0.32 12.02 11.29
CA GLU B 48 0.26 11.70 12.59
C GLU B 48 1.69 12.19 12.64
N ASP B 49 2.11 12.60 13.83
CA ASP B 49 3.52 12.91 14.10
C ASP B 49 3.73 12.85 15.61
N GLN B 50 4.01 11.63 16.08
CA GLN B 50 4.02 11.32 17.50
C GLN B 50 5.32 10.62 17.86
N ALA B 51 5.99 11.10 18.89
CA ALA B 51 7.19 10.43 19.42
C ALA B 51 6.78 9.19 20.21
N PHE B 52 7.69 8.24 20.32
CA PHE B 52 7.44 6.97 21.01
C PHE B 52 8.70 6.47 21.74
N GLY B 53 9.53 5.65 21.10
CA GLY B 53 10.85 5.29 21.65
C GLY B 53 11.78 6.45 21.33
N PRO B 54 12.96 6.14 20.75
CA PRO B 54 13.61 7.18 19.94
C PRO B 54 12.73 7.45 18.72
N MET B 55 12.18 6.37 18.15
CA MET B 55 11.16 6.34 17.08
C MET B 55 10.11 7.48 17.07
N ARG B 56 9.73 7.87 15.85
CA ARG B 56 8.69 8.86 15.60
C ARG B 56 7.72 8.27 14.55
N TRP B 57 6.42 8.25 14.86
CA TRP B 57 5.43 7.69 13.95
C TRP B 57 4.84 8.83 13.12
N VAL B 58 5.14 8.82 11.83
CA VAL B 58 4.74 9.87 10.91
C VAL B 58 3.82 9.28 9.84
N GLU B 59 2.62 9.84 9.69
CA GLU B 59 1.70 9.42 8.67
C GLU B 59 1.25 10.61 7.84
N VAL B 60 1.15 10.37 6.54
CA VAL B 60 0.71 11.37 5.58
C VAL B 60 -0.31 10.72 4.67
N ALA B 61 -1.26 11.48 4.17
CA ALA B 61 -2.23 10.90 3.25
C ALA B 61 -2.89 11.96 2.43
N PRO B 62 -3.27 11.60 1.18
CA PRO B 62 -4.12 12.51 0.45
C PRO B 62 -5.31 12.95 1.28
N ALA B 63 -5.65 14.22 1.15
CA ALA B 63 -6.78 14.79 1.88
C ALA B 63 -8.08 13.97 1.71
N GLY B 64 -8.65 13.59 2.85
CA GLY B 64 -9.88 12.81 2.88
C GLY B 64 -9.77 11.33 2.51
N SER B 65 -8.56 10.85 2.19
CA SER B 65 -8.38 9.45 1.77
C SER B 65 -8.33 8.53 2.98
N GLN B 66 -8.64 7.26 2.75
CA GLN B 66 -8.76 6.32 3.85
C GLN B 66 -7.40 5.74 4.29
N THR B 67 -6.66 5.12 3.37
CA THR B 67 -5.35 4.54 3.66
C THR B 67 -4.26 5.61 3.73
N ARG B 68 -3.37 5.46 4.69
CA ARG B 68 -2.28 6.42 4.92
C ARG B 68 -0.91 5.81 4.63
N ILE B 69 0.05 6.65 4.26
CA ILE B 69 1.44 6.22 4.14
C ILE B 69 2.11 6.51 5.49
N VAL B 70 2.83 5.53 6.02
CA VAL B 70 3.68 5.73 7.19
C VAL B 70 5.08 5.98 6.68
N LEU B 71 5.65 7.12 7.07
CA LEU B 71 7.00 7.47 6.67
C LEU B 71 7.95 6.89 7.70
N CYS B 72 8.66 5.85 7.29
CA CYS B 72 9.48 5.05 8.15
C CYS B 72 10.94 5.37 7.89
N THR B 73 11.72 5.43 8.94
CA THR B 73 13.16 5.55 8.84
C THR B 73 13.71 4.16 9.07
N LYS B 74 15.01 4.01 9.20
CA LYS B 74 15.47 2.91 10.06
C LYS B 74 15.37 3.34 11.53
N HIS B 75 15.90 2.53 12.43
CA HIS B 75 15.27 2.19 13.70
C HIS B 75 13.97 1.36 13.57
N PHE B 76 13.12 1.60 12.56
CA PHE B 76 11.85 0.84 12.42
C PHE B 76 12.15 -0.64 12.16
N PRO B 77 11.61 -1.55 13.01
CA PRO B 77 11.87 -3.00 12.81
C PRO B 77 11.41 -3.51 11.43
N VAL B 78 10.42 -2.82 10.89
CA VAL B 78 9.88 -3.06 9.56
C VAL B 78 10.88 -2.78 8.39
N TYR B 79 11.92 -1.96 8.62
CA TYR B 79 12.91 -1.64 7.56
C TYR B 79 13.88 -2.78 7.20
N GLU B 80 14.31 -2.77 5.94
CA GLU B 80 15.44 -3.58 5.47
C GLU B 80 16.27 -2.76 4.52
N GLU B 81 17.55 -3.13 4.39
CA GLU B 81 18.44 -2.40 3.48
C GLU B 81 17.93 -2.63 2.05
N GLY B 82 17.87 -1.54 1.28
CA GLY B 82 17.23 -1.55 -0.04
C GLY B 82 15.83 -0.95 -0.07
N LYS B 83 15.21 -0.77 1.10
CA LYS B 83 13.83 -0.25 1.17
C LYS B 83 13.69 1.26 0.95
N ILE B 84 14.75 2.03 1.19
CA ILE B 84 14.74 3.47 0.87
C ILE B 84 15.08 3.63 -0.59
N GLY B 85 14.22 4.34 -1.33
CA GLY B 85 14.47 4.64 -2.74
C GLY B 85 14.23 3.52 -3.73
N ARG B 86 13.12 2.79 -3.56
CA ARG B 86 12.73 1.73 -4.51
C ARG B 86 11.38 2.07 -5.13
N PHE B 87 10.96 1.28 -6.13
CA PHE B 87 9.60 1.33 -6.61
C PHE B 87 8.67 0.87 -5.50
N THR B 88 7.74 1.74 -5.09
CA THR B 88 6.90 1.49 -3.93
C THR B 88 5.76 0.51 -4.24
N ASP B 89 5.48 0.24 -5.51
CA ASP B 89 4.28 -0.51 -5.91
C ASP B 89 2.97 0.17 -5.46
N ILE B 90 2.99 1.48 -5.29
CA ILE B 90 1.81 2.26 -4.90
C ILE B 90 1.34 3.05 -6.12
N GLN B 91 0.02 3.07 -6.35
CA GLN B 91 -0.54 3.84 -7.42
C GLN B 91 -1.43 4.91 -6.82
N LEU B 92 -1.05 6.16 -7.06
CA LEU B 92 -1.81 7.31 -6.60
C LEU B 92 -2.77 7.72 -7.71
N VAL B 93 -3.94 8.19 -7.28
CA VAL B 93 -5.03 8.55 -8.16
C VAL B 93 -5.21 10.08 -8.17
N THR B 94 -5.36 10.63 -9.37
CA THR B 94 -5.66 12.05 -9.61
C THR B 94 -6.81 12.16 -10.61
N GLU B 95 -7.67 13.15 -10.43
CA GLU B 95 -8.73 13.39 -11.41
C GLU B 95 -8.25 14.19 -12.65
N ASP B 96 -7.06 14.75 -12.59
CA ASP B 96 -6.48 15.59 -13.65
C ASP B 96 -4.96 15.42 -13.69
N ILE B 97 -4.51 14.37 -14.37
CA ILE B 97 -3.10 14.05 -14.45
C ILE B 97 -2.31 15.14 -15.18
N LYS B 98 -2.93 15.79 -16.16
CA LYS B 98 -2.26 16.90 -16.88
C LYS B 98 -1.94 18.02 -15.93
N ALA B 99 -2.95 18.48 -15.21
CA ALA B 99 -2.76 19.53 -14.22
C ALA B 99 -1.82 19.13 -13.09
N THR B 100 -1.99 17.91 -12.57
CA THR B 100 -1.16 17.49 -11.45
C THR B 100 0.31 17.32 -11.88
N HIS B 101 0.55 16.70 -13.03
CA HIS B 101 1.90 16.65 -13.61
C HIS B 101 2.53 18.04 -13.67
N GLU B 102 1.82 18.96 -14.31
CA GLU B 102 2.36 20.30 -14.52
C GLU B 102 2.70 20.96 -13.20
N GLU B 103 1.78 20.87 -12.23
CA GLU B 103 2.00 21.50 -10.93
C GLU B 103 3.14 20.84 -10.15
N LEU B 104 3.22 19.51 -10.15
CA LEU B 104 4.32 18.85 -9.44
C LEU B 104 5.70 19.12 -10.06
N VAL B 105 5.76 19.17 -11.40
CA VAL B 105 7.00 19.50 -12.11
C VAL B 105 7.45 20.91 -11.74
N ARG B 106 6.50 21.84 -11.75
CA ARG B 106 6.71 23.21 -11.30
C ARG B 106 7.31 23.28 -9.89
N ARG B 107 6.83 22.42 -8.98
CA ARG B 107 7.40 22.31 -7.62
C ARG B 107 8.69 21.49 -7.51
N GLY B 108 9.22 21.00 -8.62
CA GLY B 108 10.54 20.36 -8.62
C GLY B 108 10.49 18.84 -8.64
N VAL B 109 9.31 18.24 -8.80
CA VAL B 109 9.20 16.78 -8.73
C VAL B 109 9.80 16.13 -9.97
N ASN B 110 10.52 15.04 -9.74
CA ASN B 110 11.17 14.28 -10.79
C ASN B 110 10.22 13.21 -11.31
N PHE B 111 9.76 13.39 -12.54
CA PHE B 111 9.00 12.37 -13.25
C PHE B 111 9.91 11.48 -14.09
N THR B 112 9.92 10.19 -13.76
CA THR B 112 10.60 9.17 -14.52
C THR B 112 9.83 8.81 -15.79
N ARG B 113 8.52 9.01 -15.78
CA ARG B 113 7.71 8.87 -16.98
C ARG B 113 6.59 9.89 -16.99
N ALA B 114 6.47 10.60 -18.11
CA ALA B 114 5.45 11.64 -18.29
C ALA B 114 4.12 10.97 -18.54
N PRO B 115 3.01 11.73 -18.36
CA PRO B 115 1.67 11.22 -18.64
C PRO B 115 1.58 10.56 -20.01
N GLU B 116 0.86 9.45 -20.06
CA GLU B 116 0.85 8.59 -21.22
C GLU B 116 -0.52 7.96 -21.28
N GLN B 117 -1.22 8.11 -22.37
CA GLN B 117 -2.52 7.50 -22.47
C GLN B 117 -2.40 5.98 -22.54
N MET B 118 -3.32 5.30 -21.90
CA MET B 118 -3.26 3.89 -21.82
C MET B 118 -4.24 3.23 -22.75
N PRO B 119 -3.90 1.93 -23.14
CA PRO B 119 -4.99 1.22 -23.86
C PRO B 119 -6.11 1.12 -22.88
N PHE B 120 -5.90 0.26 -21.90
CA PHE B 120 -6.43 0.39 -20.55
C PHE B 120 -7.18 1.65 -20.15
N GLY B 121 -7.53 2.55 -21.07
CA GLY B 121 -8.19 3.82 -20.75
C GLY B 121 -7.53 4.68 -19.67
N GLY B 122 -7.84 5.97 -19.64
CA GLY B 122 -7.16 6.87 -18.73
C GLY B 122 -5.68 6.90 -19.06
N ALA B 123 -4.89 7.41 -18.13
CA ALA B 123 -3.52 7.81 -18.36
C ALA B 123 -2.72 7.66 -17.09
N ASN B 124 -1.46 7.25 -17.23
CA ASN B 124 -0.57 7.16 -16.09
C ASN B 124 0.80 7.78 -16.33
N ALA B 125 1.51 7.92 -15.23
CA ALA B 125 2.82 8.48 -15.15
C ALA B 125 3.52 7.93 -13.91
N SER B 126 4.81 8.23 -13.77
CA SER B 126 5.62 7.80 -12.66
C SER B 126 6.51 8.92 -12.16
N PHE B 127 6.58 9.09 -10.86
CA PHE B 127 7.46 10.09 -10.28
C PHE B 127 8.12 9.55 -9.04
N GLN B 128 9.12 10.28 -8.56
CA GLN B 128 9.86 9.91 -7.38
C GLN B 128 9.82 10.99 -6.35
N ASP B 129 9.96 10.57 -5.09
CA ASP B 129 10.24 11.49 -4.01
C ASP B 129 11.75 11.78 -3.94
N PRO B 130 12.18 12.64 -3.02
CA PRO B 130 13.62 12.97 -2.97
C PRO B 130 14.57 11.81 -2.68
N ASP B 131 14.08 10.74 -2.07
CA ASP B 131 14.89 9.55 -1.83
C ASP B 131 14.84 8.53 -2.98
N GLY B 132 14.17 8.86 -4.08
CA GLY B 132 14.03 7.93 -5.21
C GLY B 132 12.87 6.94 -5.06
N ASN B 133 12.07 7.06 -3.99
CA ASN B 133 10.87 6.22 -3.88
C ASN B 133 9.93 6.58 -5.02
N GLU B 134 9.58 5.59 -5.83
CA GLU B 134 8.85 5.79 -7.07
C GLU B 134 7.37 5.38 -6.96
N PHE B 135 6.50 6.29 -7.37
CA PHE B 135 5.06 6.07 -7.38
C PHE B 135 4.51 6.09 -8.81
N LEU B 136 3.44 5.32 -9.02
CA LEU B 136 2.61 5.44 -10.20
C LEU B 136 1.54 6.49 -9.91
N LEU B 137 1.20 7.25 -10.94
CA LEU B 137 0.21 8.30 -10.87
C LEU B 137 -0.79 7.99 -11.95
N LEU B 138 -2.06 7.85 -11.58
CA LEU B 138 -3.09 7.39 -12.48
C LEU B 138 -4.29 8.33 -12.50
N GLN B 139 -4.73 8.69 -13.71
CA GLN B 139 -6.08 9.21 -13.95
C GLN B 139 -6.90 8.06 -14.54
N PRO B 140 -7.90 7.56 -13.79
CA PRO B 140 -8.66 6.40 -14.29
C PRO B 140 -9.63 6.75 -15.42
N SER B 141 -9.99 5.77 -16.24
CA SER B 141 -11.02 5.96 -17.28
C SER B 141 -12.40 6.07 -16.65
#